data_3OMG
#
_entry.id   3OMG
#
_cell.length_a   35.721
_cell.length_b   75.804
_cell.length_c   80.073
_cell.angle_alpha   90.000
_cell.angle_beta   90.360
_cell.angle_gamma   90.000
#
_symmetry.space_group_name_H-M   'P 1 21 1'
#
loop_
_entity.id
_entity.type
_entity.pdbx_description
1 polymer 'Staphylococcal nuclease domain-containing protein 1'
2 polymer 'dimethylated arginine peptide R14me2s'
3 water water
#
loop_
_entity_poly.entity_id
_entity_poly.type
_entity_poly.pdbx_seq_one_letter_code
_entity_poly.pdbx_strand_id
1 'polypeptide(L)'
;AKQKKEKVWAHYEEQPVEEVMPVLEEKERSASYKPVFVTEITDDLHFYVQDVETGTQLEKLMENMRNDIASHPPVEGSYA
PRRGEFCIAKFVDGEWYRARVEKVESPAKIHVFYIDYGNREVLPSTRLGTLSPAFSTRVLPAQATEYAFAFIQVPQDDDA
RTDAVDSVVRDIQNTQCLLNVEHLSAGCPHVTLQFADSKGDVGLGLVKEGLVMVEVRKEKQFQKVITEYLNAQESAKSAR
LNLWRYGDFRADDADEFGYSR
;
A,B
2 'polypeptide(L)' RGRA(2MR)GQE C,D
#
# COMPACT_ATOMS: atom_id res chain seq x y z
N SER A 32 -28.94 4.72 7.28
CA SER A 32 -28.69 3.24 7.35
C SER A 32 -27.43 2.91 8.16
N TYR A 33 -27.65 2.57 9.43
CA TYR A 33 -26.55 2.26 10.36
C TYR A 33 -26.06 0.83 10.18
N LYS A 34 -24.73 0.66 10.20
CA LYS A 34 -24.12 -0.66 10.02
C LYS A 34 -23.39 -1.10 11.29
N PRO A 35 -23.40 -2.41 11.60
CA PRO A 35 -22.71 -2.80 12.83
C PRO A 35 -21.18 -2.72 12.68
N VAL A 36 -20.51 -2.15 13.68
CA VAL A 36 -19.04 -2.09 13.69
C VAL A 36 -18.52 -2.47 15.07
N PHE A 37 -17.29 -2.96 15.12
CA PHE A 37 -16.62 -3.18 16.39
C PHE A 37 -15.55 -2.11 16.61
N VAL A 38 -15.69 -1.33 17.69
CA VAL A 38 -14.76 -0.25 18.02
C VAL A 38 -13.50 -0.77 18.71
N THR A 39 -12.35 -0.59 18.07
CA THR A 39 -11.08 -1.19 18.57
C THR A 39 -10.19 -0.27 19.40
N GLU A 40 -10.08 0.99 18.99
CA GLU A 40 -9.14 1.92 19.59
C GLU A 40 -9.74 3.31 19.61
N ILE A 41 -9.55 4.03 20.71
CA ILE A 41 -9.91 5.43 20.81
C ILE A 41 -8.61 6.22 20.96
N THR A 42 -8.43 7.27 20.16
CA THR A 42 -7.19 8.04 20.19
C THR A 42 -7.35 9.22 21.16
N ASP A 43 -6.22 9.78 21.58
CA ASP A 43 -6.20 10.94 22.47
C ASP A 43 -6.82 12.20 21.85
N ASP A 44 -6.99 12.19 20.53
CA ASP A 44 -7.61 13.30 19.80
C ASP A 44 -9.11 13.05 19.55
N LEU A 45 -9.70 12.12 20.29
CA LEU A 45 -11.11 11.74 20.07
C LEU A 45 -11.43 11.30 18.62
N HIS A 46 -10.50 10.55 18.02
CA HIS A 46 -10.81 9.77 16.83
C HIS A 46 -10.91 8.33 17.31
N PHE A 47 -11.30 7.42 16.42
CA PHE A 47 -11.46 6.04 16.84
C PHE A 47 -11.40 5.13 15.64
N TYR A 48 -10.92 3.91 15.87
CA TYR A 48 -10.87 2.92 14.80
C TYR A 48 -11.98 1.91 14.99
N VAL A 49 -12.58 1.50 13.88
CA VAL A 49 -13.59 0.45 13.90
C VAL A 49 -13.35 -0.61 12.83
N GLN A 50 -13.88 -1.81 13.09
CA GLN A 50 -13.90 -2.90 12.13
C GLN A 50 -15.35 -3.15 11.72
N ASP A 51 -15.56 -3.40 10.44
CA ASP A 51 -16.89 -3.76 9.94
C ASP A 51 -17.23 -5.19 10.41
N VAL A 52 -18.35 -5.32 11.12
CA VAL A 52 -18.77 -6.63 11.62
C VAL A 52 -19.03 -7.62 10.49
N GLU A 53 -19.52 -7.12 9.35
CA GLU A 53 -19.83 -7.98 8.20
C GLU A 53 -18.62 -8.72 7.66
N THR A 54 -17.41 -8.24 7.97
CA THR A 54 -16.17 -8.89 7.48
C THR A 54 -15.34 -9.48 8.62
N GLY A 55 -15.91 -9.50 9.83
CA GLY A 55 -15.24 -10.05 11.02
C GLY A 55 -14.80 -11.51 10.86
N THR A 56 -15.66 -12.31 10.25
CA THR A 56 -15.41 -13.73 9.97
C THR A 56 -14.21 -13.87 9.05
N GLN A 57 -14.17 -13.07 8.00
CA GLN A 57 -13.06 -13.09 7.04
C GLN A 57 -11.72 -12.73 7.69
N LEU A 58 -11.71 -11.68 8.51
CA LEU A 58 -10.53 -11.36 9.30
C LEU A 58 -10.11 -12.53 10.20
N GLU A 59 -11.08 -13.14 10.87
CA GLU A 59 -10.77 -14.26 11.77
C GLU A 59 -10.09 -15.41 11.00
N LYS A 60 -10.69 -15.77 9.87
CA LYS A 60 -10.17 -16.82 8.98
C LYS A 60 -8.76 -16.50 8.48
N LEU A 61 -8.55 -15.27 8.01
CA LEU A 61 -7.20 -14.85 7.56
C LEU A 61 -6.14 -15.00 8.65
N MET A 62 -6.49 -14.54 9.85
CA MET A 62 -5.62 -14.64 11.02
C MET A 62 -5.34 -16.12 11.36
N GLU A 63 -6.37 -16.94 11.38
CA GLU A 63 -6.19 -18.37 11.60
C GLU A 63 -5.21 -18.95 10.55
N ASN A 64 -5.43 -18.64 9.27
CA ASN A 64 -4.58 -19.19 8.22
C ASN A 64 -3.18 -18.59 8.24
N MET A 65 -3.08 -17.29 8.52
CA MET A 65 -1.78 -16.65 8.64
C MET A 65 -0.92 -17.29 9.74
N ARG A 66 -1.54 -17.55 10.89
CA ARG A 66 -0.79 -18.05 12.05
C ARG A 66 -0.36 -19.49 11.88
N ASN A 67 -1.19 -20.26 11.19
CA ASN A 67 -0.85 -21.62 10.84
C ASN A 67 0.36 -21.64 9.92
N ASP A 68 0.42 -20.67 9.01
CA ASP A 68 1.54 -20.54 8.10
C ASP A 68 2.80 -20.03 8.81
N ILE A 69 2.62 -19.17 9.81
CA ILE A 69 3.75 -18.65 10.59
C ILE A 69 4.37 -19.78 11.43
N ALA A 70 3.52 -20.59 12.03
CA ALA A 70 3.95 -21.73 12.85
C ALA A 70 4.88 -22.69 12.08
N SER A 71 4.75 -22.73 10.75
CA SER A 71 5.61 -23.57 9.92
C SER A 71 6.75 -22.79 9.23
N HIS A 72 6.63 -21.47 9.20
CA HIS A 72 7.68 -20.62 8.63
C HIS A 72 8.09 -19.56 9.65
N PRO A 73 8.90 -19.95 10.67
CA PRO A 73 9.26 -19.08 11.79
C PRO A 73 10.15 -17.90 11.39
N PRO A 74 9.75 -16.66 11.76
CA PRO A 74 10.47 -15.43 11.38
C PRO A 74 11.99 -15.43 11.69
N TYR A 79 13.52 -11.46 7.07
CA TYR A 79 12.84 -10.18 6.93
C TYR A 79 13.74 -9.01 7.34
N ALA A 80 13.70 -7.96 6.55
CA ALA A 80 14.50 -6.76 6.75
C ALA A 80 13.58 -5.54 6.89
N PRO A 81 13.09 -5.27 8.13
CA PRO A 81 12.11 -4.20 8.32
C PRO A 81 12.56 -2.86 7.77
N ARG A 82 11.74 -2.26 6.90
CA ARG A 82 12.00 -0.92 6.37
C ARG A 82 10.71 -0.12 6.38
N ARG A 83 10.86 1.19 6.49
CA ARG A 83 9.74 2.12 6.54
C ARG A 83 8.78 1.99 5.34
N GLY A 84 7.48 1.99 5.64
CA GLY A 84 6.42 1.93 4.63
C GLY A 84 6.02 0.51 4.26
N GLU A 85 6.83 -0.44 4.68
CA GLU A 85 6.69 -1.82 4.31
C GLU A 85 5.64 -2.48 5.19
N PHE A 86 4.86 -3.39 4.60
CA PHE A 86 4.02 -4.26 5.43
C PHE A 86 4.89 -5.30 6.12
N CYS A 87 4.36 -5.88 7.19
CA CYS A 87 5.02 -6.96 7.92
C CYS A 87 3.98 -7.72 8.74
N ILE A 88 4.45 -8.74 9.44
CA ILE A 88 3.72 -9.26 10.59
C ILE A 88 4.44 -8.77 11.87
N ALA A 89 3.66 -8.58 12.92
CA ALA A 89 4.16 -8.10 14.20
C ALA A 89 3.49 -8.89 15.33
N LYS A 90 4.29 -9.28 16.32
CA LYS A 90 3.81 -10.10 17.42
C LYS A 90 3.34 -9.20 18.55
N PHE A 91 2.03 -9.19 18.77
CA PHE A 91 1.37 -8.34 19.77
C PHE A 91 1.53 -8.93 21.19
N VAL A 92 1.00 -8.24 22.19
CA VAL A 92 1.20 -8.57 23.62
C VAL A 92 0.37 -9.77 24.11
N ASP A 93 -0.52 -10.26 23.25
CA ASP A 93 -1.26 -11.51 23.48
C ASP A 93 -0.46 -12.69 22.92
N GLY A 94 0.75 -12.42 22.42
CA GLY A 94 1.62 -13.46 21.92
C GLY A 94 1.27 -13.93 20.51
N GLU A 95 0.32 -13.25 19.88
CA GLU A 95 -0.14 -13.62 18.54
C GLU A 95 0.41 -12.65 17.51
N TRP A 96 0.63 -13.17 16.31
CA TRP A 96 1.05 -12.36 15.18
C TRP A 96 -0.11 -11.71 14.43
N TYR A 97 0.08 -10.43 14.05
CA TYR A 97 -0.94 -9.67 13.31
C TYR A 97 -0.32 -8.95 12.13
N ARG A 98 -1.17 -8.49 11.21
CA ARG A 98 -0.69 -7.68 10.09
C ARG A 98 -0.35 -6.27 10.54
N ALA A 99 0.79 -5.76 10.06
CA ALA A 99 1.22 -4.42 10.43
C ALA A 99 1.93 -3.69 9.29
N ARG A 100 2.13 -2.40 9.49
CA ARG A 100 2.92 -1.56 8.60
C ARG A 100 4.01 -0.90 9.44
N VAL A 101 5.24 -0.92 8.92
CA VAL A 101 6.36 -0.23 9.56
C VAL A 101 6.24 1.26 9.28
N GLU A 102 6.17 2.05 10.36
CA GLU A 102 6.03 3.51 10.24
C GLU A 102 7.35 4.25 10.46
N LYS A 103 8.17 3.74 11.38
CA LYS A 103 9.47 4.34 11.73
C LYS A 103 10.39 3.28 12.33
N VAL A 104 11.62 3.21 11.82
CA VAL A 104 12.69 2.42 12.41
C VAL A 104 13.55 3.36 13.26
N GLU A 105 13.39 3.32 14.57
CA GLU A 105 14.14 4.19 15.45
C GLU A 105 15.52 3.61 15.74
N SER A 106 15.59 2.29 15.83
CA SER A 106 16.79 1.55 16.13
C SER A 106 16.41 0.09 15.97
N PRO A 107 17.41 -0.81 15.96
CA PRO A 107 17.07 -2.25 15.86
C PRO A 107 16.17 -2.75 17.00
N ALA A 108 16.21 -2.06 18.15
CA ALA A 108 15.36 -2.45 19.27
C ALA A 108 14.01 -1.72 19.29
N LYS A 109 13.88 -0.69 18.44
CA LYS A 109 12.68 0.16 18.42
C LYS A 109 12.12 0.39 17.03
N ILE A 110 11.30 -0.55 16.58
CA ILE A 110 10.59 -0.39 15.32
C ILE A 110 9.11 -0.09 15.57
N HIS A 111 8.69 1.08 15.09
CA HIS A 111 7.36 1.62 15.28
C HIS A 111 6.44 1.02 14.22
N VAL A 112 5.40 0.32 14.67
CA VAL A 112 4.46 -0.32 13.75
C VAL A 112 3.03 0.14 14.00
N PHE A 113 2.19 -0.06 12.98
CA PHE A 113 0.77 0.27 13.06
C PHE A 113 0.01 -1.00 12.65
N TYR A 114 -0.88 -1.48 13.51
CA TYR A 114 -1.57 -2.75 13.27
C TYR A 114 -2.76 -2.45 12.41
N ILE A 115 -2.67 -2.81 11.13
CA ILE A 115 -3.60 -2.31 10.10
C ILE A 115 -5.04 -2.80 10.28
N ASP A 116 -5.22 -3.93 10.97
CA ASP A 116 -6.57 -4.45 11.20
C ASP A 116 -7.23 -4.01 12.51
N TYR A 117 -6.46 -3.32 13.38
CA TYR A 117 -6.96 -2.88 14.69
C TYR A 117 -6.79 -1.37 14.94
N GLY A 118 -5.74 -0.79 14.40
CA GLY A 118 -5.52 0.64 14.56
C GLY A 118 -4.62 1.09 15.70
N ASN A 119 -4.16 0.15 16.52
CA ASN A 119 -3.20 0.49 17.58
C ASN A 119 -1.76 0.54 17.06
N ARG A 120 -0.91 1.30 17.76
CA ARG A 120 0.49 1.39 17.40
C ARG A 120 1.35 0.86 18.53
N GLU A 121 2.57 0.44 18.18
CA GLU A 121 3.44 -0.27 19.10
C GLU A 121 4.88 -0.13 18.65
N VAL A 122 5.77 -0.06 19.62
CA VAL A 122 7.21 -0.01 19.36
C VAL A 122 7.78 -1.34 19.77
N LEU A 123 8.46 -2.01 18.87
CA LEU A 123 8.91 -3.34 19.19
C LEU A 123 10.27 -3.66 18.61
N PRO A 124 10.94 -4.67 19.20
CA PRO A 124 12.22 -5.09 18.70
C PRO A 124 12.07 -5.98 17.48
N SER A 125 13.17 -6.20 16.77
CA SER A 125 13.13 -7.00 15.55
C SER A 125 12.75 -8.47 15.77
N THR A 126 12.83 -8.97 17.00
CA THR A 126 12.48 -10.36 17.28
C THR A 126 10.97 -10.57 17.17
N ARG A 127 10.22 -9.47 17.13
CA ARG A 127 8.77 -9.49 17.04
C ARG A 127 8.25 -8.99 15.69
N LEU A 128 9.10 -9.07 14.67
CA LEU A 128 8.74 -8.71 13.30
C LEU A 128 9.03 -9.86 12.33
N GLY A 129 8.22 -9.95 11.29
CA GLY A 129 8.39 -10.98 10.26
C GLY A 129 7.86 -10.48 8.94
N THR A 130 8.08 -11.27 7.89
CA THR A 130 7.56 -10.95 6.55
C THR A 130 6.06 -11.17 6.51
N LEU A 131 5.32 -10.27 5.85
CA LEU A 131 3.93 -10.57 5.54
C LEU A 131 3.91 -11.26 4.19
N SER A 132 3.53 -12.54 4.18
CA SER A 132 3.44 -13.33 2.95
C SER A 132 2.40 -12.72 2.00
N PRO A 133 2.64 -12.83 0.67
CA PRO A 133 1.65 -12.37 -0.31
C PRO A 133 0.24 -12.97 -0.09
N ALA A 134 0.19 -14.19 0.47
CA ALA A 134 -1.09 -14.87 0.68
C ALA A 134 -2.02 -14.13 1.65
N PHE A 135 -1.45 -13.21 2.42
CA PHE A 135 -2.19 -12.49 3.46
C PHE A 135 -2.10 -10.97 3.28
N SER A 136 -1.89 -10.53 2.04
CA SER A 136 -1.72 -9.11 1.73
C SER A 136 -3.05 -8.37 1.80
N THR A 137 -3.00 -7.04 1.73
CA THR A 137 -4.19 -6.21 1.74
C THR A 137 -4.95 -6.33 0.44
N ARG A 138 -4.34 -6.98 -0.55
CA ARG A 138 -5.06 -7.30 -1.78
C ARG A 138 -5.97 -8.51 -1.56
N VAL A 139 -5.51 -9.46 -0.75
CA VAL A 139 -6.31 -10.63 -0.36
C VAL A 139 -7.48 -10.25 0.58
N LEU A 140 -7.21 -9.43 1.61
CA LEU A 140 -8.25 -8.83 2.46
C LEU A 140 -7.80 -7.44 2.85
N PRO A 141 -8.65 -6.42 2.63
CA PRO A 141 -8.23 -5.06 2.92
C PRO A 141 -7.95 -4.87 4.41
N ALA A 142 -7.19 -3.82 4.73
CA ALA A 142 -6.96 -3.42 6.12
C ALA A 142 -8.33 -3.28 6.79
N GLN A 143 -8.49 -3.90 7.96
CA GLN A 143 -9.83 -4.00 8.60
C GLN A 143 -10.21 -2.87 9.54
N ALA A 144 -9.26 -2.03 9.94
CA ALA A 144 -9.55 -0.91 10.83
C ALA A 144 -9.66 0.35 10.00
N THR A 145 -10.72 1.13 10.25
CA THR A 145 -10.90 2.45 9.61
C THR A 145 -10.96 3.56 10.68
N GLU A 146 -10.22 4.65 10.44
CA GLU A 146 -10.25 5.78 11.35
C GLU A 146 -11.46 6.68 11.07
N TYR A 147 -12.15 7.07 12.13
CA TYR A 147 -13.26 8.00 12.05
C TYR A 147 -13.21 9.01 13.16
N ALA A 148 -14.01 10.05 13.03
CA ALA A 148 -14.24 11.01 14.11
C ALA A 148 -15.75 11.23 14.26
N PHE A 149 -16.17 11.80 15.37
CA PHE A 149 -17.58 12.11 15.55
C PHE A 149 -18.00 13.31 14.73
N ALA A 150 -19.12 13.16 14.04
CA ALA A 150 -19.75 14.27 13.38
C ALA A 150 -20.44 15.22 14.37
N PHE A 151 -20.44 16.50 14.01
CA PHE A 151 -21.21 17.55 14.70
C PHE A 151 -20.71 17.87 16.11
N ILE A 152 -19.52 17.40 16.44
CA ILE A 152 -18.90 17.79 17.71
C ILE A 152 -17.48 18.31 17.53
N GLN A 153 -17.08 19.24 18.39
CA GLN A 153 -15.72 19.74 18.45
C GLN A 153 -14.94 18.91 19.46
N VAL A 154 -13.69 18.59 19.12
CA VAL A 154 -12.80 17.96 20.09
C VAL A 154 -12.34 19.10 20.99
N PRO A 155 -12.49 18.96 22.32
CA PRO A 155 -12.08 20.03 23.24
C PRO A 155 -10.59 20.40 23.10
N GLN A 156 -10.30 21.69 23.05
CA GLN A 156 -8.90 22.14 22.95
C GLN A 156 -8.18 22.07 24.30
N ASP A 157 -8.90 22.33 25.39
CA ASP A 157 -8.30 22.23 26.72
C ASP A 157 -7.92 20.77 27.00
N ASP A 158 -6.69 20.55 27.42
CA ASP A 158 -6.17 19.19 27.59
C ASP A 158 -7.01 18.34 28.55
N ASP A 159 -7.35 18.89 29.72
CA ASP A 159 -8.11 18.11 30.70
C ASP A 159 -9.55 17.82 30.25
N ALA A 160 -10.18 18.79 29.58
CA ALA A 160 -11.54 18.59 29.03
C ALA A 160 -11.52 17.51 27.94
N ARG A 161 -10.50 17.56 27.08
CA ARG A 161 -10.35 16.53 26.05
C ARG A 161 -10.14 15.14 26.66
N THR A 162 -9.31 15.06 27.71
CA THR A 162 -9.14 13.80 28.44
C THR A 162 -10.44 13.29 29.00
N ASP A 163 -11.26 14.18 29.59
CA ASP A 163 -12.57 13.78 30.12
C ASP A 163 -13.47 13.16 29.02
N ALA A 164 -13.52 13.81 27.86
CA ALA A 164 -14.29 13.32 26.71
C ALA A 164 -13.77 11.97 26.19
N VAL A 165 -12.45 11.87 25.98
CA VAL A 165 -11.83 10.61 25.56
C VAL A 165 -12.16 9.49 26.55
N ASP A 166 -11.97 9.78 27.82
CA ASP A 166 -12.19 8.82 28.86
C ASP A 166 -13.62 8.30 28.87
N SER A 167 -14.60 9.20 28.69
CA SER A 167 -16.01 8.80 28.56
C SER A 167 -16.22 7.80 27.43
N VAL A 168 -15.71 8.14 26.26
CA VAL A 168 -15.89 7.31 25.08
C VAL A 168 -15.19 5.95 25.29
N VAL A 169 -14.01 5.96 25.92
CA VAL A 169 -13.27 4.71 26.15
C VAL A 169 -14.14 3.77 27.01
N ARG A 170 -14.64 4.30 28.13
CA ARG A 170 -15.51 3.55 29.04
C ARG A 170 -16.75 3.01 28.36
N ASP A 171 -17.34 3.80 27.48
CA ASP A 171 -18.63 3.46 26.89
C ASP A 171 -18.58 2.61 25.62
N ILE A 172 -17.55 2.79 24.79
CA ILE A 172 -17.55 2.09 23.51
C ILE A 172 -16.29 1.28 23.19
N GLN A 173 -15.19 1.53 23.88
CA GLN A 173 -13.96 0.82 23.44
C GLN A 173 -14.17 -0.68 23.56
N ASN A 174 -13.74 -1.44 22.54
CA ASN A 174 -13.96 -2.91 22.52
C ASN A 174 -15.41 -3.36 22.68
N THR A 175 -16.32 -2.68 21.99
CA THR A 175 -17.72 -3.06 21.97
C THR A 175 -18.24 -2.93 20.56
N GLN A 176 -19.35 -3.61 20.30
CA GLN A 176 -20.03 -3.50 19.04
C GLN A 176 -21.04 -2.36 19.10
N CYS A 177 -20.96 -1.48 18.09
CA CYS A 177 -21.78 -0.29 17.94
C CYS A 177 -22.41 -0.28 16.55
N LEU A 178 -23.29 0.70 16.32
CA LEU A 178 -23.83 0.98 14.99
C LEU A 178 -23.23 2.27 14.48
N LEU A 179 -22.97 2.37 13.18
CA LEU A 179 -22.24 3.51 12.63
C LEU A 179 -22.89 4.02 11.37
N ASN A 180 -22.96 5.33 11.25
CA ASN A 180 -23.40 5.93 9.99
C ASN A 180 -22.43 7.02 9.57
N VAL A 181 -21.89 6.91 8.36
CA VAL A 181 -21.00 7.93 7.82
C VAL A 181 -21.82 9.16 7.46
N GLU A 182 -21.45 10.31 8.03
CA GLU A 182 -22.23 11.54 7.87
C GLU A 182 -21.63 12.38 6.76
N HIS A 183 -20.32 12.61 6.84
CA HIS A 183 -19.63 13.56 5.92
C HIS A 183 -18.12 13.35 5.85
N LEU A 184 -17.53 13.72 4.71
CA LEU A 184 -16.09 13.67 4.56
C LEU A 184 -15.51 14.94 5.13
N SER A 185 -14.18 14.98 5.27
CA SER A 185 -13.49 16.18 5.70
C SER A 185 -12.09 16.18 5.15
N ALA A 186 -11.36 17.26 5.42
CA ALA A 186 -9.94 17.35 5.14
C ALA A 186 -9.25 16.65 6.30
N GLY A 187 -9.35 15.33 6.30
CA GLY A 187 -8.96 14.49 7.44
C GLY A 187 -9.82 13.26 7.28
N CYS A 188 -10.13 12.57 8.38
CA CYS A 188 -10.87 11.31 8.27
C CYS A 188 -12.38 11.61 8.20
N PRO A 189 -13.19 10.64 7.74
CA PRO A 189 -14.63 10.91 7.68
C PRO A 189 -15.23 11.04 9.06
N HIS A 190 -16.32 11.79 9.16
CA HIS A 190 -17.02 11.98 10.41
C HIS A 190 -18.34 11.20 10.41
N VAL A 191 -18.65 10.60 11.55
CA VAL A 191 -19.74 9.64 11.63
C VAL A 191 -20.61 9.88 12.87
N THR A 192 -21.79 9.29 12.87
CA THR A 192 -22.54 9.15 14.12
C THR A 192 -22.46 7.68 14.52
N LEU A 193 -22.33 7.44 15.83
CA LEU A 193 -22.41 6.09 16.39
C LEU A 193 -23.63 5.96 17.28
N GLN A 194 -24.18 4.76 17.30
CA GLN A 194 -25.25 4.40 18.24
C GLN A 194 -24.85 3.21 19.09
N PHE A 195 -25.24 3.24 20.36
CA PHE A 195 -25.09 2.10 21.24
C PHE A 195 -25.93 0.97 20.66
N ALA A 196 -25.40 -0.25 20.73
CA ALA A 196 -26.08 -1.41 20.15
C ALA A 196 -27.43 -1.62 20.81
N ASP A 197 -27.48 -1.53 22.14
CA ASP A 197 -28.72 -1.80 22.88
C ASP A 197 -29.74 -0.66 22.76
N SER A 198 -29.46 0.45 23.42
CA SER A 198 -30.38 1.59 23.50
C SER A 198 -30.59 2.35 22.19
N LYS A 199 -29.71 2.12 21.22
CA LYS A 199 -29.68 2.91 19.98
C LYS A 199 -29.37 4.41 20.23
N GLY A 200 -28.98 4.76 21.45
CA GLY A 200 -28.62 6.15 21.79
C GLY A 200 -27.43 6.60 20.96
N ASP A 201 -27.51 7.82 20.43
CA ASP A 201 -26.42 8.49 19.72
C ASP A 201 -25.27 8.81 20.70
N VAL A 202 -24.11 8.20 20.47
CA VAL A 202 -22.94 8.36 21.34
C VAL A 202 -22.41 9.80 21.42
N GLY A 203 -22.21 10.42 20.26
CA GLY A 203 -21.74 11.81 20.23
C GLY A 203 -22.72 12.75 20.88
N LEU A 204 -24.02 12.51 20.64
CA LEU A 204 -25.06 13.31 21.28
C LEU A 204 -24.97 13.14 22.80
N GLY A 205 -24.75 11.90 23.25
CA GLY A 205 -24.53 11.62 24.69
C GLY A 205 -23.43 12.52 25.29
N LEU A 206 -22.35 12.73 24.55
CA LEU A 206 -21.23 13.59 24.98
C LEU A 206 -21.67 15.03 25.12
N VAL A 207 -22.46 15.50 24.15
CA VAL A 207 -23.00 16.86 24.20
C VAL A 207 -23.96 17.04 25.38
N LYS A 208 -24.82 16.03 25.59
CA LYS A 208 -25.81 16.06 26.67
C LYS A 208 -25.11 16.14 28.01
N GLU A 209 -23.96 15.49 28.12
CA GLU A 209 -23.17 15.45 29.36
C GLU A 209 -22.32 16.70 29.55
N GLY A 210 -22.29 17.56 28.54
CA GLY A 210 -21.48 18.77 28.56
C GLY A 210 -19.98 18.46 28.40
N LEU A 211 -19.65 17.32 27.82
CA LEU A 211 -18.24 16.93 27.64
C LEU A 211 -17.59 17.52 26.38
N VAL A 212 -18.44 17.86 25.42
CA VAL A 212 -18.00 18.46 24.15
C VAL A 212 -18.99 19.55 23.74
N MET A 213 -18.51 20.46 22.89
CA MET A 213 -19.35 21.45 22.24
C MET A 213 -19.79 20.99 20.87
N VAL A 214 -20.86 21.59 20.37
CA VAL A 214 -21.39 21.24 19.06
C VAL A 214 -20.59 21.94 17.96
N GLU A 215 -20.39 21.23 16.87
CA GLU A 215 -19.70 21.74 15.69
C GLU A 215 -20.78 21.95 14.61
N VAL A 216 -21.08 23.20 14.29
CA VAL A 216 -22.15 23.50 13.36
C VAL A 216 -21.66 23.28 11.91
N ARG A 217 -22.53 22.74 11.08
CA ARG A 217 -22.30 22.62 9.64
C ARG A 217 -23.44 23.31 8.90
N LYS A 218 -23.22 23.63 7.63
CA LYS A 218 -24.20 24.35 6.79
C LYS A 218 -25.12 23.47 5.94
N GLU A 219 -24.70 22.23 5.62
CA GLU A 219 -25.53 21.35 4.78
C GLU A 219 -26.93 21.32 5.36
N LYS A 220 -27.91 21.50 4.49
CA LYS A 220 -29.30 21.55 4.92
C LYS A 220 -29.78 20.21 5.48
N GLN A 221 -29.26 19.10 4.93
CA GLN A 221 -29.63 17.78 5.44
C GLN A 221 -29.09 17.50 6.84
N PHE A 222 -28.20 18.36 7.33
CA PHE A 222 -27.70 18.21 8.72
C PHE A 222 -28.42 19.12 9.71
N GLN A 223 -29.38 19.90 9.24
CA GLN A 223 -29.97 20.92 10.11
C GLN A 223 -30.78 20.34 11.28
N LYS A 224 -31.56 19.30 11.03
CA LYS A 224 -32.37 18.68 12.09
C LYS A 224 -31.50 18.07 13.19
N VAL A 225 -30.48 17.32 12.78
CA VAL A 225 -29.58 16.70 13.77
C VAL A 225 -28.72 17.76 14.50
N ILE A 226 -28.24 18.76 13.79
CA ILE A 226 -27.50 19.85 14.44
C ILE A 226 -28.37 20.66 15.42
N THR A 227 -29.61 20.93 15.05
CA THR A 227 -30.55 21.58 15.97
C THR A 227 -30.76 20.75 17.24
N GLU A 228 -30.97 19.45 17.07
CA GLU A 228 -31.04 18.52 18.23
C GLU A 228 -29.78 18.58 19.12
N TYR A 229 -28.60 18.57 18.50
CA TYR A 229 -27.34 18.70 19.25
C TYR A 229 -27.24 20.05 19.98
N LEU A 230 -27.61 21.14 19.32
CA LEU A 230 -27.62 22.47 19.98
C LEU A 230 -28.62 22.52 21.13
N ASN A 231 -29.75 21.85 20.98
CA ASN A 231 -30.73 21.78 22.05
C ASN A 231 -30.19 21.05 23.28
N ALA A 232 -29.52 19.91 23.08
CA ALA A 232 -28.85 19.16 24.15
C ALA A 232 -27.74 20.01 24.79
N GLN A 233 -26.98 20.72 23.96
CA GLN A 233 -25.88 21.59 24.47
C GLN A 233 -26.38 22.68 25.40
N GLU A 234 -27.45 23.36 25.00
CA GLU A 234 -28.06 24.38 25.84
C GLU A 234 -28.60 23.80 27.16
N SER A 235 -29.20 22.62 27.09
CA SER A 235 -29.64 21.91 28.30
C SER A 235 -28.49 21.49 29.23
N ALA A 236 -27.40 21.03 28.64
CA ALA A 236 -26.14 20.74 29.35
C ALA A 236 -25.57 21.98 30.04
N LYS A 237 -25.66 23.12 29.35
CA LYS A 237 -25.25 24.40 29.91
C LYS A 237 -26.15 24.80 31.07
N SER A 238 -27.46 24.59 30.93
CA SER A 238 -28.40 24.94 32.00
C SER A 238 -28.23 24.02 33.21
N ALA A 239 -27.84 22.76 32.97
CA ALA A 239 -27.59 21.78 34.06
C ALA A 239 -26.19 21.94 34.67
N ARG A 240 -25.40 22.83 34.10
CA ARG A 240 -24.03 23.10 34.52
C ARG A 240 -23.18 21.83 34.64
N LEU A 241 -23.15 21.05 33.56
CA LEU A 241 -22.38 19.82 33.46
C LEU A 241 -21.03 20.01 32.78
N ASN A 242 -20.00 19.42 33.39
CA ASN A 242 -18.64 19.28 32.81
C ASN A 242 -18.04 20.60 32.27
N LEU A 243 -17.98 20.79 30.94
CA LEU A 243 -17.53 22.06 30.34
C LEU A 243 -18.23 23.29 30.93
N TRP A 244 -19.50 23.13 31.31
CA TRP A 244 -20.35 24.22 31.76
C TRP A 244 -20.55 24.25 33.28
N ARG A 245 -19.69 23.55 34.01
CA ARG A 245 -19.79 23.41 35.47
C ARG A 245 -19.98 24.73 36.19
N TYR A 246 -19.25 25.75 35.75
CA TYR A 246 -19.24 27.05 36.41
C TYR A 246 -20.02 28.11 35.64
N GLY A 247 -20.78 27.67 34.63
CA GLY A 247 -21.54 28.60 33.79
C GLY A 247 -21.03 28.58 32.37
N ASP A 248 -21.38 29.59 31.60
CA ASP A 248 -20.90 29.74 30.23
C ASP A 248 -20.49 31.19 29.96
N TYR B 33 -7.09 -4.19 -22.38
CA TYR B 33 -6.17 -4.77 -21.36
C TYR B 33 -5.61 -6.13 -21.79
N LYS B 34 -4.28 -6.20 -21.93
CA LYS B 34 -3.56 -7.41 -22.33
C LYS B 34 -2.72 -7.97 -21.16
N PRO B 35 -2.66 -9.32 -21.03
CA PRO B 35 -1.86 -9.90 -19.95
C PRO B 35 -0.35 -9.75 -20.17
N VAL B 36 0.34 -9.29 -19.12
CA VAL B 36 1.78 -9.08 -19.15
C VAL B 36 2.40 -9.59 -17.85
N PHE B 37 3.67 -9.95 -17.91
CA PHE B 37 4.40 -10.34 -16.74
C PHE B 37 5.42 -9.25 -16.44
N VAL B 38 5.30 -8.62 -15.27
CA VAL B 38 6.17 -7.49 -14.93
C VAL B 38 7.48 -8.05 -14.38
N THR B 39 8.61 -7.70 -15.00
CA THR B 39 9.91 -8.32 -14.69
C THR B 39 10.90 -7.40 -13.96
N GLU B 40 10.72 -6.08 -14.10
CA GLU B 40 11.67 -5.11 -13.56
C GLU B 40 11.06 -3.72 -13.37
N ILE B 41 11.24 -3.17 -12.16
CA ILE B 41 10.91 -1.76 -11.87
C ILE B 41 12.23 -0.98 -11.85
N THR B 42 12.31 0.10 -12.65
CA THR B 42 13.53 0.91 -12.69
C THR B 42 13.48 2.00 -11.62
N ASP B 43 14.65 2.57 -11.34
CA ASP B 43 14.80 3.65 -10.36
C ASP B 43 14.03 4.94 -10.70
N ASP B 44 13.71 5.15 -11.99
CA ASP B 44 12.89 6.29 -12.44
C ASP B 44 11.40 5.97 -12.51
N LEU B 45 11.01 4.86 -11.88
CA LEU B 45 9.61 4.43 -11.87
C LEU B 45 9.04 4.14 -13.27
N HIS B 46 9.90 3.65 -14.15
CA HIS B 46 9.46 2.95 -15.33
C HIS B 46 9.50 1.46 -14.99
N PHE B 47 9.02 0.63 -15.91
CA PHE B 47 9.01 -0.81 -15.67
C PHE B 47 9.03 -1.56 -16.97
N TYR B 48 9.59 -2.76 -16.93
CA TYR B 48 9.64 -3.61 -18.11
C TYR B 48 8.64 -4.73 -17.93
N VAL B 49 8.02 -5.15 -19.03
CA VAL B 49 7.13 -6.30 -18.99
C VAL B 49 7.34 -7.22 -20.19
N GLN B 50 6.94 -8.48 -20.00
CA GLN B 50 6.88 -9.49 -21.06
C GLN B 50 5.43 -9.71 -21.48
N ASP B 51 5.22 -9.88 -22.79
CA ASP B 51 3.90 -10.19 -23.30
C ASP B 51 3.61 -11.66 -23.00
N VAL B 52 2.52 -11.93 -22.26
CA VAL B 52 2.16 -13.33 -21.94
C VAL B 52 1.92 -14.16 -23.21
N GLU B 53 1.54 -13.49 -24.30
CA GLU B 53 1.21 -14.14 -25.58
C GLU B 53 2.44 -14.80 -26.24
N THR B 54 3.64 -14.35 -25.90
CA THR B 54 4.85 -14.99 -26.42
C THR B 54 5.64 -15.67 -25.29
N GLY B 55 4.95 -15.91 -24.18
CA GLY B 55 5.57 -16.48 -22.99
C GLY B 55 6.11 -17.89 -23.13
N THR B 56 5.35 -18.76 -23.78
CA THR B 56 5.77 -20.15 -24.00
C THR B 56 6.95 -20.22 -24.98
N GLN B 57 6.95 -19.31 -25.97
CA GLN B 57 8.06 -19.20 -26.94
C GLN B 57 9.35 -18.83 -26.20
N LEU B 58 9.24 -17.84 -25.30
CA LEU B 58 10.41 -17.46 -24.47
C LEU B 58 10.87 -18.61 -23.57
N GLU B 59 9.93 -19.27 -22.89
CA GLU B 59 10.32 -20.40 -22.03
C GLU B 59 10.97 -21.53 -22.85
N LYS B 60 10.42 -21.81 -24.02
CA LYS B 60 11.00 -22.84 -24.90
C LYS B 60 12.41 -22.44 -25.32
N LEU B 61 12.62 -21.16 -25.69
CA LEU B 61 13.93 -20.71 -26.12
C LEU B 61 14.98 -20.91 -25.03
N MET B 62 14.66 -20.42 -23.83
CA MET B 62 15.51 -20.56 -22.64
C MET B 62 15.93 -22.00 -22.38
N GLU B 63 14.95 -22.90 -22.33
CA GLU B 63 15.18 -24.33 -22.12
C GLU B 63 16.15 -24.91 -23.13
N ASN B 64 15.94 -24.64 -24.41
CA ASN B 64 16.83 -25.16 -25.44
C ASN B 64 18.20 -24.49 -25.41
N MET B 65 18.22 -23.18 -25.17
CA MET B 65 19.48 -22.45 -25.01
C MET B 65 20.31 -23.00 -23.86
N ARG B 66 19.67 -23.21 -22.70
CA ARG B 66 20.38 -23.70 -21.51
C ARG B 66 20.90 -25.12 -21.71
N ASN B 67 20.09 -25.93 -22.39
CA ASN B 67 20.48 -27.28 -22.78
C ASN B 67 21.71 -27.28 -23.70
N ASP B 68 21.75 -26.36 -24.67
CA ASP B 68 22.85 -26.25 -25.62
C ASP B 68 24.13 -25.70 -24.97
N ILE B 69 23.96 -24.82 -23.98
CA ILE B 69 25.09 -24.28 -23.20
C ILE B 69 25.80 -25.37 -22.39
N ALA B 70 25.02 -26.21 -21.71
CA ALA B 70 25.55 -27.35 -20.96
C ALA B 70 26.41 -28.27 -21.84
N SER B 71 26.05 -28.36 -23.13
CA SER B 71 26.76 -29.20 -24.08
C SER B 71 27.93 -28.50 -24.75
N HIS B 72 27.90 -27.16 -24.77
CA HIS B 72 28.94 -26.37 -25.42
C HIS B 72 29.44 -25.23 -24.53
N PRO B 73 30.04 -25.57 -23.37
CA PRO B 73 30.33 -24.56 -22.36
C PRO B 73 31.36 -23.53 -22.83
N PRO B 74 31.35 -22.32 -22.23
CA PRO B 74 32.34 -21.29 -22.54
C PRO B 74 33.77 -21.81 -22.44
N VAL B 75 34.59 -21.40 -23.41
CA VAL B 75 36.02 -21.79 -23.48
C VAL B 75 36.78 -21.31 -22.23
N GLU B 76 37.34 -22.29 -21.50
CA GLU B 76 38.02 -22.04 -20.22
C GLU B 76 37.17 -21.24 -19.24
N GLY B 77 35.86 -21.48 -19.29
CA GLY B 77 34.90 -20.90 -18.36
C GLY B 77 34.71 -19.38 -18.46
N SER B 78 34.91 -18.81 -19.65
CA SER B 78 34.66 -17.38 -19.84
C SER B 78 34.32 -17.01 -21.27
N TYR B 79 33.65 -15.87 -21.42
CA TYR B 79 33.43 -15.27 -22.73
C TYR B 79 33.39 -13.77 -22.56
N ALA B 80 34.19 -13.06 -23.38
CA ALA B 80 34.23 -11.59 -23.32
C ALA B 80 33.59 -10.97 -24.57
N PRO B 81 32.29 -10.66 -24.51
CA PRO B 81 31.68 -10.02 -25.69
C PRO B 81 32.07 -8.54 -25.78
N ARG B 82 32.00 -7.98 -27.00
CA ARG B 82 32.29 -6.56 -27.21
C ARG B 82 31.04 -5.72 -26.93
N ARG B 83 31.22 -4.42 -26.78
CA ARG B 83 30.07 -3.50 -26.66
C ARG B 83 29.11 -3.71 -27.83
N GLY B 84 27.81 -3.85 -27.54
CA GLY B 84 26.79 -4.06 -28.59
C GLY B 84 26.58 -5.53 -28.94
N GLU B 85 27.50 -6.39 -28.54
CA GLU B 85 27.37 -7.81 -28.84
C GLU B 85 26.29 -8.43 -27.93
N PHE B 86 25.42 -9.25 -28.50
CA PHE B 86 24.50 -10.08 -27.70
C PHE B 86 25.26 -11.28 -27.14
N CYS B 87 24.82 -11.78 -26.00
CA CYS B 87 25.54 -12.84 -25.31
C CYS B 87 24.56 -13.55 -24.37
N ILE B 88 25.07 -14.51 -23.60
CA ILE B 88 24.31 -14.98 -22.45
C ILE B 88 25.04 -14.56 -21.17
N ALA B 89 24.28 -14.39 -20.10
CA ALA B 89 24.81 -14.02 -18.80
C ALA B 89 24.16 -14.86 -17.72
N LYS B 90 24.99 -15.22 -16.73
CA LYS B 90 24.52 -15.94 -15.53
C LYS B 90 24.06 -14.97 -14.45
N PHE B 91 22.75 -14.98 -14.17
CA PHE B 91 22.10 -14.09 -13.23
C PHE B 91 22.31 -14.55 -11.79
N VAL B 92 21.84 -13.79 -10.81
CA VAL B 92 22.02 -14.14 -9.38
C VAL B 92 21.37 -15.45 -8.93
N ASP B 93 20.42 -15.95 -9.72
CA ASP B 93 19.80 -17.27 -9.50
C ASP B 93 20.64 -18.41 -10.09
N GLY B 94 21.81 -18.08 -10.65
CA GLY B 94 22.70 -19.09 -11.23
C GLY B 94 22.26 -19.66 -12.58
N GLU B 95 21.27 -19.00 -13.20
CA GLU B 95 20.75 -19.44 -14.50
C GLU B 95 21.20 -18.49 -15.60
N TRP B 96 21.29 -19.04 -16.82
CA TRP B 96 21.67 -18.28 -18.02
C TRP B 96 20.47 -17.61 -18.68
N TYR B 97 20.67 -16.36 -19.08
CA TYR B 97 19.64 -15.55 -19.75
C TYR B 97 20.28 -14.81 -20.92
N ARG B 98 19.46 -14.40 -21.87
CA ARG B 98 19.96 -13.59 -22.98
C ARG B 98 20.33 -12.18 -22.51
N ALA B 99 21.42 -11.64 -23.05
CA ALA B 99 21.82 -10.28 -22.69
C ALA B 99 22.53 -9.57 -23.82
N ARG B 100 22.79 -8.27 -23.62
CA ARG B 100 23.54 -7.49 -24.57
C ARG B 100 24.49 -6.61 -23.77
N VAL B 101 25.74 -6.57 -24.22
CA VAL B 101 26.76 -5.74 -23.59
C VAL B 101 26.53 -4.26 -23.90
N GLU B 102 26.44 -3.46 -22.84
CA GLU B 102 26.29 -2.02 -22.98
C GLU B 102 27.62 -1.26 -22.85
N LYS B 103 28.52 -1.78 -22.02
CA LYS B 103 29.81 -1.11 -21.74
C LYS B 103 30.82 -2.17 -21.28
N VAL B 104 32.06 -2.05 -21.73
CA VAL B 104 33.13 -2.92 -21.25
C VAL B 104 34.14 -2.05 -20.49
N GLU B 105 34.21 -2.21 -19.17
CA GLU B 105 35.22 -1.50 -18.36
C GLU B 105 36.54 -2.25 -18.35
N SER B 106 36.46 -3.57 -18.21
CA SER B 106 37.62 -4.44 -18.09
C SER B 106 37.07 -5.84 -18.26
N PRO B 107 37.94 -6.86 -18.35
CA PRO B 107 37.37 -8.21 -18.46
C PRO B 107 36.54 -8.65 -17.26
N ALA B 108 36.76 -8.02 -16.10
CA ALA B 108 36.04 -8.32 -14.87
C ALA B 108 34.80 -7.44 -14.70
N LYS B 109 34.63 -6.43 -15.56
CA LYS B 109 33.54 -5.47 -15.41
C LYS B 109 32.86 -5.19 -16.75
N ILE B 110 31.97 -6.10 -17.14
CA ILE B 110 31.25 -5.97 -18.40
C ILE B 110 29.79 -5.71 -18.03
N HIS B 111 29.26 -4.58 -18.49
CA HIS B 111 27.93 -4.11 -18.14
C HIS B 111 26.94 -4.69 -19.13
N VAL B 112 26.03 -5.53 -18.64
CA VAL B 112 25.05 -6.18 -19.52
C VAL B 112 23.62 -5.72 -19.19
N PHE B 113 22.74 -5.89 -20.18
CA PHE B 113 21.32 -5.59 -20.09
C PHE B 113 20.64 -6.89 -20.45
N TYR B 114 19.77 -7.39 -19.56
CA TYR B 114 19.03 -8.64 -19.82
C TYR B 114 17.83 -8.37 -20.71
N ILE B 115 17.97 -8.73 -21.98
CA ILE B 115 17.06 -8.24 -23.02
C ILE B 115 15.60 -8.74 -22.86
N ASP B 116 15.43 -9.85 -22.15
CA ASP B 116 14.10 -10.43 -21.94
C ASP B 116 13.46 -10.04 -20.63
N TYR B 117 14.20 -9.30 -19.79
CA TYR B 117 13.75 -8.91 -18.45
C TYR B 117 13.85 -7.42 -18.17
N GLY B 118 14.91 -6.78 -18.66
CA GLY B 118 15.13 -5.34 -18.48
C GLY B 118 16.08 -4.89 -17.38
N ASN B 119 16.52 -5.82 -16.54
CA ASN B 119 17.47 -5.48 -15.51
C ASN B 119 18.90 -5.42 -16.05
N ARG B 120 19.79 -4.78 -15.28
CA ARG B 120 21.18 -4.59 -15.69
C ARG B 120 22.13 -5.13 -14.62
N GLU B 121 23.32 -5.56 -15.03
CA GLU B 121 24.24 -6.14 -14.08
C GLU B 121 25.65 -5.94 -14.61
N VAL B 122 26.61 -5.74 -13.70
CA VAL B 122 28.01 -5.67 -14.10
C VAL B 122 28.68 -6.98 -13.72
N LEU B 123 29.14 -7.72 -14.73
CA LEU B 123 29.61 -9.10 -14.57
C LEU B 123 31.01 -9.25 -15.10
N PRO B 124 31.77 -10.25 -14.56
CA PRO B 124 33.02 -10.66 -15.18
C PRO B 124 32.74 -11.57 -16.35
N SER B 125 33.71 -11.70 -17.26
CA SER B 125 33.57 -12.62 -18.40
C SER B 125 33.33 -14.08 -17.97
N THR B 126 33.72 -14.43 -16.75
CA THR B 126 33.50 -15.79 -16.22
C THR B 126 32.03 -16.08 -15.93
N ARG B 127 31.18 -15.05 -15.99
CA ARG B 127 29.73 -15.22 -15.83
C ARG B 127 29.00 -14.97 -17.16
N LEU B 128 29.72 -15.07 -18.28
CA LEU B 128 29.14 -14.78 -19.60
C LEU B 128 29.43 -15.90 -20.57
N GLY B 129 28.67 -15.94 -21.66
CA GLY B 129 28.85 -16.94 -22.72
C GLY B 129 28.41 -16.37 -24.05
N THR B 130 28.67 -17.11 -25.13
CA THR B 130 28.18 -16.75 -26.47
C THR B 130 26.67 -16.95 -26.59
N LEU B 131 26.00 -16.09 -27.35
CA LEU B 131 24.60 -16.33 -27.72
C LEU B 131 24.62 -16.93 -29.13
N SER B 132 24.29 -18.21 -29.21
CA SER B 132 24.26 -18.92 -30.48
C SER B 132 23.25 -18.27 -31.40
N PRO B 133 23.50 -18.29 -32.73
CA PRO B 133 22.51 -17.68 -33.64
C PRO B 133 21.14 -18.39 -33.60
N ALA B 134 21.10 -19.63 -33.10
CA ALA B 134 19.81 -20.33 -32.92
C ALA B 134 18.88 -19.65 -31.90
N PHE B 135 19.44 -18.78 -31.05
CA PHE B 135 18.67 -18.12 -29.99
C PHE B 135 18.75 -16.58 -30.11
N SER B 136 19.09 -16.08 -31.29
CA SER B 136 19.29 -14.64 -31.47
C SER B 136 17.96 -13.88 -31.46
N THR B 137 18.03 -12.55 -31.50
CA THR B 137 16.84 -11.70 -31.57
C THR B 137 16.18 -11.73 -32.93
N ARG B 138 16.84 -12.31 -33.94
CA ARG B 138 16.16 -12.60 -35.22
C ARG B 138 15.28 -13.86 -35.12
N VAL B 139 15.62 -14.75 -34.19
CA VAL B 139 14.83 -15.94 -33.94
C VAL B 139 13.65 -15.58 -33.03
N LEU B 140 13.95 -14.96 -31.89
CA LEU B 140 12.89 -14.43 -31.01
C LEU B 140 13.29 -13.04 -30.55
N PRO B 141 12.45 -12.01 -30.84
CA PRO B 141 12.79 -10.63 -30.42
C PRO B 141 12.99 -10.51 -28.90
N ALA B 142 13.77 -9.50 -28.49
CA ALA B 142 13.89 -9.18 -27.06
C ALA B 142 12.49 -9.11 -26.43
N GLN B 143 12.30 -9.80 -25.30
CA GLN B 143 10.95 -9.94 -24.71
C GLN B 143 10.51 -8.87 -23.72
N ALA B 144 11.44 -8.04 -23.25
CA ALA B 144 11.06 -6.98 -22.30
C ALA B 144 10.82 -5.66 -23.01
N THR B 145 9.68 -5.03 -22.72
CA THR B 145 9.32 -3.70 -23.25
C THR B 145 9.15 -2.74 -22.08
N GLU B 146 9.75 -1.56 -22.21
CA GLU B 146 9.73 -0.53 -21.17
C GLU B 146 8.46 0.32 -21.24
N TYR B 147 7.83 0.56 -20.10
CA TYR B 147 6.63 1.41 -20.07
C TYR B 147 6.73 2.39 -18.91
N ALA B 148 5.92 3.44 -18.96
CA ALA B 148 5.73 4.36 -17.82
C ALA B 148 4.26 4.36 -17.40
N PHE B 149 4.00 4.70 -16.13
CA PHE B 149 2.63 4.86 -15.66
C PHE B 149 1.99 6.13 -16.22
N ALA B 150 0.79 5.96 -16.78
CA ALA B 150 0.00 7.08 -17.29
C ALA B 150 -0.58 7.89 -16.14
N PHE B 151 -0.67 9.20 -16.35
CA PHE B 151 -1.43 10.13 -15.48
C PHE B 151 -0.76 10.40 -14.13
N ILE B 152 0.51 10.00 -13.99
CA ILE B 152 1.25 10.29 -12.75
C ILE B 152 2.58 10.99 -13.03
N GLN B 153 3.04 11.78 -12.05
CA GLN B 153 4.35 12.42 -12.09
C GLN B 153 5.30 11.61 -11.22
N VAL B 154 6.49 11.35 -11.73
CA VAL B 154 7.48 10.62 -10.96
C VAL B 154 8.12 11.60 -9.98
N PRO B 155 8.13 11.27 -8.68
CA PRO B 155 8.73 12.17 -7.67
C PRO B 155 10.16 12.58 -8.04
N GLN B 156 10.44 13.88 -7.98
CA GLN B 156 11.76 14.41 -8.30
C GLN B 156 12.70 14.24 -7.10
N ASP B 157 12.13 14.20 -5.89
CA ASP B 157 12.92 13.92 -4.69
C ASP B 157 13.34 12.46 -4.66
N ASP B 158 14.61 12.22 -4.27
CA ASP B 158 15.19 10.87 -4.36
C ASP B 158 14.55 9.85 -3.42
N ASP B 159 14.36 10.25 -2.18
CA ASP B 159 13.78 9.37 -1.17
C ASP B 159 12.30 9.13 -1.41
N ALA B 160 11.61 10.16 -1.90
CA ALA B 160 10.20 10.05 -2.30
C ALA B 160 10.08 9.05 -3.46
N ARG B 161 10.93 9.21 -4.46
CA ARG B 161 10.96 8.29 -5.60
C ARG B 161 11.26 6.84 -5.19
N THR B 162 12.20 6.65 -4.25
CA THR B 162 12.49 5.31 -3.72
C THR B 162 11.27 4.70 -3.04
N ASP B 163 10.57 5.49 -2.22
CA ASP B 163 9.33 5.03 -1.59
C ASP B 163 8.32 4.53 -2.65
N ALA B 164 8.18 5.29 -3.74
CA ALA B 164 7.26 4.91 -4.82
C ALA B 164 7.74 3.65 -5.55
N VAL B 165 9.01 3.61 -5.90
CA VAL B 165 9.61 2.40 -6.51
C VAL B 165 9.43 1.18 -5.62
N ASP B 166 9.77 1.32 -4.33
CA ASP B 166 9.61 0.20 -3.39
C ASP B 166 8.18 -0.33 -3.33
N SER B 167 7.20 0.57 -3.35
CA SER B 167 5.80 0.17 -3.33
C SER B 167 5.45 -0.69 -4.56
N VAL B 168 5.89 -0.22 -5.72
CA VAL B 168 5.61 -0.92 -6.97
C VAL B 168 6.32 -2.28 -7.01
N VAL B 169 7.55 -2.32 -6.50
CA VAL B 169 8.32 -3.57 -6.48
C VAL B 169 7.52 -4.59 -5.67
N ARG B 170 7.18 -4.20 -4.43
CA ARG B 170 6.42 -5.07 -3.53
C ARG B 170 5.14 -5.57 -4.18
N ASP B 171 4.43 -4.68 -4.87
CA ASP B 171 3.13 -5.01 -5.43
C ASP B 171 3.08 -5.75 -6.75
N ILE B 172 3.96 -5.44 -7.69
CA ILE B 172 3.83 -6.03 -9.01
C ILE B 172 5.08 -6.72 -9.60
N GLN B 173 6.26 -6.44 -9.05
CA GLN B 173 7.47 -7.01 -9.67
C GLN B 173 7.40 -8.53 -9.58
N ASN B 174 7.55 -9.17 -10.74
CA ASN B 174 7.53 -10.61 -10.88
C ASN B 174 6.15 -11.21 -10.63
N THR B 175 5.13 -10.53 -11.16
CA THR B 175 3.75 -11.00 -11.12
C THR B 175 3.12 -10.68 -12.45
N GLN B 176 2.07 -11.43 -12.78
CA GLN B 176 1.27 -11.17 -13.95
C GLN B 176 0.28 -10.05 -13.67
N CYS B 177 0.11 -9.17 -14.66
CA CYS B 177 -0.79 -8.01 -14.60
C CYS B 177 -1.51 -7.84 -15.93
N LEU B 178 -2.49 -6.95 -15.97
CA LEU B 178 -3.09 -6.51 -17.21
C LEU B 178 -2.59 -5.11 -17.54
N LEU B 179 -2.31 -4.88 -18.82
CA LEU B 179 -1.77 -3.58 -19.23
C LEU B 179 -2.61 -2.98 -20.34
N ASN B 180 -2.86 -1.68 -20.23
CA ASN B 180 -3.57 -0.95 -21.26
C ASN B 180 -2.78 0.26 -21.67
N VAL B 181 -2.43 0.36 -22.95
CA VAL B 181 -1.69 1.53 -23.42
C VAL B 181 -2.66 2.70 -23.48
N GLU B 182 -2.34 3.76 -22.75
CA GLU B 182 -3.20 4.93 -22.65
C GLU B 182 -2.83 5.95 -23.73
N HIS B 183 -1.56 6.32 -23.80
CA HIS B 183 -1.07 7.14 -24.88
C HIS B 183 0.41 6.89 -25.13
N LEU B 184 0.82 7.13 -26.36
CA LEU B 184 2.25 7.16 -26.70
C LEU B 184 2.78 8.49 -26.18
N SER B 185 4.08 8.56 -25.91
CA SER B 185 4.71 9.83 -25.59
C SER B 185 5.88 10.03 -26.55
N ALA B 186 6.78 10.96 -26.23
CA ALA B 186 8.03 11.11 -26.99
C ALA B 186 9.01 10.00 -26.61
N GLY B 187 8.70 9.31 -25.52
CA GLY B 187 9.51 8.19 -25.02
C GLY B 187 8.72 6.90 -25.02
N CYS B 188 8.73 6.19 -23.90
CA CYS B 188 8.01 4.92 -23.74
CA CYS B 188 8.02 4.92 -23.84
C CYS B 188 6.52 5.16 -23.66
N PRO B 189 5.69 4.19 -24.12
CA PRO B 189 4.26 4.42 -23.97
C PRO B 189 3.86 4.56 -22.50
N HIS B 190 2.82 5.35 -22.25
CA HIS B 190 2.25 5.49 -20.92
C HIS B 190 1.03 4.58 -20.81
N VAL B 191 0.97 3.80 -19.73
CA VAL B 191 -0.01 2.72 -19.59
C VAL B 191 -0.68 2.77 -18.22
N THR B 192 -1.83 2.11 -18.08
CA THR B 192 -2.35 1.76 -16.77
C THR B 192 -2.12 0.27 -16.60
N LEU B 193 -1.83 -0.15 -15.37
CA LEU B 193 -1.75 -1.56 -15.02
C LEU B 193 -2.87 -1.88 -14.05
N GLN B 194 -3.39 -3.09 -14.18
CA GLN B 194 -4.35 -3.61 -13.22
C GLN B 194 -3.78 -4.90 -12.64
N PHE B 195 -3.94 -5.07 -11.32
CA PHE B 195 -3.65 -6.34 -10.67
C PHE B 195 -4.48 -7.44 -11.31
N ALA B 196 -3.88 -8.63 -11.45
CA ALA B 196 -4.60 -9.78 -11.99
C ALA B 196 -5.75 -10.21 -11.07
N ASP B 197 -5.53 -10.16 -9.76
CA ASP B 197 -6.55 -10.56 -8.79
C ASP B 197 -7.59 -9.47 -8.60
N SER B 198 -7.22 -8.45 -7.81
CA SER B 198 -8.15 -7.40 -7.39
C SER B 198 -8.64 -6.45 -8.50
N LYS B 199 -8.01 -6.53 -9.68
CA LYS B 199 -8.42 -5.70 -10.84
C LYS B 199 -8.18 -4.19 -10.64
N GLY B 200 -7.61 -3.84 -9.49
CA GLY B 200 -7.34 -2.45 -9.12
C GLY B 200 -6.28 -1.79 -9.97
N ASP B 201 -6.48 -0.51 -10.26
CA ASP B 201 -5.53 0.33 -11.00
C ASP B 201 -4.28 0.56 -10.12
N VAL B 202 -3.12 0.12 -10.60
CA VAL B 202 -1.88 0.18 -9.80
C VAL B 202 -1.38 1.61 -9.59
N GLY B 203 -1.36 2.41 -10.65
CA GLY B 203 -0.89 3.80 -10.58
C GLY B 203 -1.80 4.64 -9.70
N LEU B 204 -3.10 4.40 -9.83
CA LEU B 204 -4.11 5.05 -8.96
C LEU B 204 -3.85 4.73 -7.50
N GLY B 205 -3.49 3.46 -7.23
CA GLY B 205 -3.10 3.02 -5.87
C GLY B 205 -1.97 3.87 -5.31
N LEU B 206 -1.00 4.19 -6.15
CA LEU B 206 0.12 5.04 -5.76
C LEU B 206 -0.34 6.48 -5.45
N VAL B 207 -1.26 7.00 -6.26
CA VAL B 207 -1.79 8.34 -6.02
C VAL B 207 -2.52 8.38 -4.68
N LYS B 208 -3.37 7.36 -4.47
CA LYS B 208 -4.22 7.25 -3.29
C LYS B 208 -3.36 7.19 -2.02
N GLU B 209 -2.24 6.48 -2.12
CA GLU B 209 -1.26 6.33 -1.05
C GLU B 209 -0.38 7.60 -0.88
N GLY B 210 -0.55 8.58 -1.76
CA GLY B 210 0.24 9.82 -1.71
C GLY B 210 1.71 9.65 -2.09
N LEU B 211 2.02 8.61 -2.84
CA LEU B 211 3.40 8.32 -3.22
C LEU B 211 3.87 9.08 -4.47
N VAL B 212 2.92 9.48 -5.30
CA VAL B 212 3.15 10.22 -6.55
C VAL B 212 2.05 11.26 -6.68
N MET B 213 2.35 12.32 -7.44
CA MET B 213 1.36 13.33 -7.82
C MET B 213 0.70 13.00 -9.15
N VAL B 214 -0.44 13.64 -9.41
CA VAL B 214 -1.19 13.44 -10.64
C VAL B 214 -0.64 14.29 -11.78
N GLU B 215 -0.50 13.69 -12.95
CA GLU B 215 -0.25 14.48 -14.16
C GLU B 215 -1.62 14.81 -14.77
N VAL B 216 -2.00 16.09 -14.76
CA VAL B 216 -3.33 16.51 -15.22
C VAL B 216 -3.34 16.62 -16.74
N ARG B 217 -3.58 15.50 -17.44
CA ARG B 217 -3.64 15.48 -18.91
C ARG B 217 -4.78 16.35 -19.41
N LYS B 218 -4.61 16.84 -20.64
CA LYS B 218 -5.58 17.76 -21.26
C LYS B 218 -6.58 17.07 -22.21
N GLU B 219 -6.17 15.94 -22.79
CA GLU B 219 -7.01 15.24 -23.77
C GLU B 219 -8.40 14.92 -23.22
N LYS B 220 -9.43 15.26 -24.00
CA LYS B 220 -10.81 15.03 -23.60
C LYS B 220 -11.09 13.57 -23.22
N GLN B 221 -10.45 12.62 -23.91
CA GLN B 221 -10.64 11.21 -23.65
C GLN B 221 -10.14 10.80 -22.25
N PHE B 222 -9.32 11.65 -21.64
CA PHE B 222 -8.78 11.37 -20.31
C PHE B 222 -9.47 12.10 -19.16
N GLN B 223 -10.52 12.86 -19.47
CA GLN B 223 -11.16 13.70 -18.44
C GLN B 223 -11.67 12.91 -17.22
N LYS B 224 -12.37 11.81 -17.46
CA LYS B 224 -12.92 11.00 -16.36
C LYS B 224 -11.84 10.38 -15.47
N VAL B 225 -10.83 9.79 -16.11
CA VAL B 225 -9.74 9.20 -15.37
C VAL B 225 -8.90 10.24 -14.60
N ILE B 226 -8.64 11.39 -15.22
CA ILE B 226 -7.93 12.48 -14.52
C ILE B 226 -8.68 12.94 -13.27
N THR B 227 -10.00 13.16 -13.42
CA THR B 227 -10.82 13.55 -12.28
C THR B 227 -10.71 12.55 -11.13
N GLU B 228 -10.83 11.27 -11.47
CA GLU B 228 -10.70 10.19 -10.51
C GLU B 228 -9.34 10.21 -9.81
N TYR B 229 -8.27 10.41 -10.59
CA TYR B 229 -6.95 10.48 -9.99
C TYR B 229 -6.79 11.71 -9.08
N LEU B 230 -7.36 12.84 -9.50
CA LEU B 230 -7.27 14.04 -8.66
C LEU B 230 -8.08 13.85 -7.38
N ASN B 231 -9.18 13.11 -7.47
CA ASN B 231 -9.96 12.77 -6.28
C ASN B 231 -9.15 11.91 -5.30
N ALA B 232 -8.41 10.92 -5.82
CA ALA B 232 -7.53 10.12 -4.96
C ALA B 232 -6.38 10.97 -4.39
N GLN B 233 -5.90 11.95 -5.15
CA GLN B 233 -4.83 12.82 -4.66
C GLN B 233 -5.36 13.71 -3.54
N GLU B 234 -6.57 14.25 -3.72
CA GLU B 234 -7.24 15.02 -2.68
C GLU B 234 -7.32 14.24 -1.37
N SER B 235 -7.74 12.98 -1.48
CA SER B 235 -7.81 12.04 -0.38
C SER B 235 -6.46 11.85 0.35
N ALA B 236 -5.43 11.46 -0.40
CA ALA B 236 -4.08 11.24 0.14
C ALA B 236 -3.56 12.50 0.83
N LYS B 237 -3.87 13.64 0.22
CA LYS B 237 -3.41 14.96 0.64
C LYS B 237 -3.96 15.32 2.02
N SER B 238 -5.28 15.15 2.18
CA SER B 238 -5.94 15.43 3.44
C SER B 238 -5.48 14.48 4.52
N ALA B 239 -5.17 13.24 4.13
CA ALA B 239 -4.75 12.16 5.05
C ALA B 239 -3.26 12.24 5.37
N ARG B 240 -2.58 13.25 4.81
CA ARG B 240 -1.19 13.57 5.14
C ARG B 240 -0.24 12.39 4.89
N LEU B 241 -0.48 11.63 3.82
CA LEU B 241 0.31 10.45 3.49
C LEU B 241 1.51 10.79 2.60
N ASN B 242 2.69 10.28 2.98
CA ASN B 242 3.91 10.34 2.16
C ASN B 242 4.27 11.73 1.63
N LEU B 243 4.06 12.00 0.34
CA LEU B 243 4.37 13.31 -0.25
C LEU B 243 3.68 14.46 0.49
N TRP B 244 2.54 14.16 1.10
CA TRP B 244 1.72 15.19 1.73
C TRP B 244 1.81 15.21 3.25
N ARG B 245 2.82 14.54 3.81
CA ARG B 245 3.02 14.48 5.27
C ARG B 245 3.11 15.85 5.95
N TYR B 246 3.76 16.79 5.28
CA TYR B 246 3.98 18.12 5.87
C TYR B 246 3.08 19.20 5.29
N GLY B 247 2.11 18.80 4.49
CA GLY B 247 1.18 19.74 3.88
C GLY B 247 1.41 19.78 2.38
N ASP B 248 0.94 20.84 1.73
CA ASP B 248 1.07 20.97 0.28
C ASP B 248 2.51 21.26 -0.17
N GLY C 2 -13.34 -12.80 21.78
CA GLY C 2 -11.88 -12.62 21.50
C GLY C 2 -11.55 -11.40 20.64
N ARG C 3 -12.57 -10.59 20.32
CA ARG C 3 -12.34 -9.39 19.50
C ARG C 3 -11.51 -8.31 20.21
N ALA C 4 -11.59 -8.28 21.54
CA ALA C 4 -10.79 -7.41 22.41
C ALA C 4 -9.32 -7.87 22.59
N 2MR C 5 -8.96 -9.02 22.02
CA 2MR C 5 -7.60 -9.59 22.08
CB 2MR C 5 -6.63 -8.77 21.22
CG 2MR C 5 -7.04 -8.81 19.76
CD 2MR C 5 -5.94 -8.18 18.91
NE 2MR C 5 -5.84 -6.73 19.12
CZ 2MR C 5 -4.86 -5.99 18.57
NH1 2MR C 5 -4.01 -6.60 17.84
CQ1 2MR C 5 -2.85 -6.08 17.12
NH2 2MR C 5 -4.79 -4.67 18.80
CQ2 2MR C 5 -5.74 -3.93 19.64
C 2MR C 5 -7.05 -9.75 23.49
O 2MR C 5 -5.86 -9.50 23.73
N GLY C 6 -7.91 -10.19 24.41
CA GLY C 6 -7.55 -10.39 25.82
C GLY C 6 -7.40 -9.07 26.57
N GLN C 7 -7.53 -7.96 25.84
CA GLN C 7 -7.37 -6.62 26.41
C GLN C 7 -8.73 -6.06 26.81
N ARG D 3 8.65 -17.95 -13.32
CA ARG D 3 9.00 -16.73 -14.09
C ARG D 3 9.60 -15.63 -13.19
N ALA D 4 9.37 -15.76 -11.88
CA ALA D 4 9.83 -14.78 -10.88
C ALA D 4 11.35 -14.79 -10.62
N 2MR D 5 12.01 -15.92 -10.90
CA 2MR D 5 13.48 -16.04 -10.84
CB 2MR D 5 14.19 -14.99 -11.72
CG 2MR D 5 13.75 -15.07 -13.17
CD 2MR D 5 14.64 -14.26 -14.09
NE 2MR D 5 14.67 -12.83 -13.82
CZ 2MR D 5 15.63 -12.07 -14.34
NH1 2MR D 5 16.52 -12.61 -15.07
CQ1 2MR D 5 17.65 -12.00 -15.73
NH2 2MR D 5 15.66 -10.75 -14.10
CQ2 2MR D 5 14.65 -10.12 -13.24
C 2MR D 5 14.01 -15.96 -9.42
O 2MR D 5 15.20 -15.70 -9.20
N GLY D 6 13.13 -16.16 -8.44
CA GLY D 6 13.49 -16.05 -7.03
C GLY D 6 13.32 -14.65 -6.48
N GLN D 7 13.29 -13.65 -7.36
CA GLN D 7 13.23 -12.25 -6.97
C GLN D 7 11.83 -11.87 -6.47
#